data_4RQB
#
_entry.id   4RQB
#
_cell.length_a   109.244
_cell.length_b   109.244
_cell.length_c   100.790
_cell.angle_alpha   90.00
_cell.angle_beta   90.00
_cell.angle_gamma   90.00
#
_symmetry.space_group_name_H-M   'P 41 21 2'
#
loop_
_entity.id
_entity.type
_entity.pdbx_description
1 polymer 'Hypoxanthine phosphoribosyltransferase'
2 non-polymer 'SULFATE ION'
3 non-polymer 'UNKNOWN LIGAND'
4 non-polymer GLYCEROL
5 non-polymer 'CHLORIDE ION'
6 water water
#
_entity_poly.entity_id   1
_entity_poly.type   'polypeptide(L)'
_entity_poly.pdbx_seq_one_letter_code
;S(MSE)E(MSE)NSV(MSE)HNDLKEVLLTEEDIQNICKELGAQLTKDYQGKPLVCVGILKGSA(MSE)F(MSE)SDLIK
RIDTHLSIDF(MSE)DVSSYHGGTESTGEVQIIKDLGSSIENKDVLIIEDILETGTTLKSITELLQSRKVNSLEIVTLLD
KPNRRKADIEAKYVGKKIPDEFVVGYGLDYRELYRNLPYIGTLKPEVYSN
;
_entity_poly.pdbx_strand_id   A,B
#
loop_
_chem_comp.id
_chem_comp.type
_chem_comp.name
_chem_comp.formula
CL non-polymer 'CHLORIDE ION' 'Cl -1'
GOL non-polymer GLYCEROL 'C3 H8 O3'
SO4 non-polymer 'SULFATE ION' 'O4 S -2'
UNL non-polymer 'UNKNOWN LIGAND' ?
#
# COMPACT_ATOMS: atom_id res chain seq x y z
N GLU A 3 2.57 -8.62 20.49
CA GLU A 3 1.24 -9.27 20.54
C GLU A 3 1.11 -10.14 19.30
N MSE A 4 1.43 -11.43 19.48
CA MSE A 4 1.52 -12.42 18.41
C MSE A 4 0.77 -13.68 18.85
O MSE A 4 1.34 -14.77 18.78
CB MSE A 4 3.05 -12.66 18.12
CG MSE A 4 3.46 -13.41 16.81
SE MSE A 4 5.44 -13.63 16.55
CE MSE A 4 5.76 -15.37 15.62
N ASN A 5 -0.49 -13.56 19.25
CA ASN A 5 -1.34 -14.69 19.73
C ASN A 5 -2.25 -15.39 18.72
N SER A 6 -2.51 -14.75 17.58
CA SER A 6 -3.40 -15.29 16.61
C SER A 6 -3.01 -16.70 16.24
N VAL A 7 -3.99 -17.52 15.97
CA VAL A 7 -3.70 -18.83 15.53
C VAL A 7 -2.93 -18.86 14.21
N MSE A 8 -2.98 -17.79 13.41
CA MSE A 8 -2.28 -17.81 12.10
C MSE A 8 -0.82 -18.10 12.22
O MSE A 8 -0.24 -18.64 11.30
CB MSE A 8 -2.27 -16.55 11.21
CG MSE A 8 -2.87 -15.33 11.84
SE MSE A 8 -2.98 -13.75 10.67
CE MSE A 8 -2.23 -12.54 12.02
N HIS A 9 -0.21 -17.65 13.29
CA HIS A 9 1.21 -17.78 13.44
C HIS A 9 1.68 -19.23 13.48
N ASN A 10 0.78 -20.11 13.87
CA ASN A 10 1.10 -21.53 13.98
C ASN A 10 1.03 -22.23 12.66
N ASP A 11 0.53 -21.57 11.64
CA ASP A 11 0.55 -22.11 10.29
C ASP A 11 1.96 -21.99 9.63
N LEU A 12 2.96 -21.40 10.25
CA LEU A 12 4.28 -21.29 9.65
C LEU A 12 5.28 -22.37 9.99
N LYS A 13 5.85 -23.04 8.98
CA LYS A 13 6.94 -23.99 9.23
C LYS A 13 8.18 -23.19 9.70
N GLU A 14 8.59 -22.12 9.03
CA GLU A 14 9.72 -21.33 9.54
C GLU A 14 9.64 -19.87 9.12
N VAL A 15 10.29 -19.02 9.88
CA VAL A 15 10.39 -17.62 9.57
C VAL A 15 11.65 -17.39 8.75
N LEU A 16 11.51 -16.89 7.52
CA LEU A 16 12.64 -16.48 6.73
C LEU A 16 13.04 -15.02 6.91
N LEU A 17 12.14 -14.12 7.24
CA LEU A 17 12.54 -12.75 7.49
C LEU A 17 11.70 -12.18 8.61
N THR A 18 12.35 -11.71 9.65
CA THR A 18 11.65 -11.06 10.72
C THR A 18 11.30 -9.64 10.31
N GLU A 19 10.39 -9.04 11.08
CA GLU A 19 10.03 -7.67 10.92
C GLU A 19 11.31 -6.84 10.95
N GLU A 20 12.21 -7.10 11.87
CA GLU A 20 13.43 -6.34 11.98
C GLU A 20 14.31 -6.55 10.74
N ASP A 21 14.41 -7.78 10.24
CA ASP A 21 15.19 -8.00 9.03
C ASP A 21 14.67 -7.16 7.88
N ILE A 22 13.36 -7.11 7.73
CA ILE A 22 12.73 -6.39 6.66
C ILE A 22 12.95 -4.90 6.83
N GLN A 23 12.81 -4.37 8.03
CA GLN A 23 13.16 -2.99 8.25
C GLN A 23 14.61 -2.69 7.85
N ASN A 24 15.51 -3.62 8.12
CA ASN A 24 16.91 -3.41 7.81
C ASN A 24 17.15 -3.45 6.32
N ILE A 25 16.50 -4.40 5.66
CA ILE A 25 16.52 -4.38 4.24
C ILE A 25 16.04 -3.05 3.69
N CYS A 26 14.96 -2.48 4.23
CA CYS A 26 14.49 -1.23 3.69
C CYS A 26 15.46 -0.10 3.89
N LYS A 27 16.15 -0.09 5.01
CA LYS A 27 17.17 0.92 5.23
C LYS A 27 18.30 0.84 4.19
N GLU A 28 18.78 -0.36 3.96
CA GLU A 28 19.91 -0.58 3.07
C GLU A 28 19.53 -0.22 1.62
N LEU A 29 18.39 -0.73 1.15
CA LEU A 29 17.94 -0.45 -0.22
C LEU A 29 17.60 1.01 -0.41
N GLY A 30 17.02 1.62 0.64
CA GLY A 30 16.66 3.04 0.64
C GLY A 30 17.83 3.97 0.49
N ALA A 31 18.91 3.66 1.19
CA ALA A 31 20.18 4.44 1.05
C ALA A 31 20.72 4.35 -0.38
N GLN A 32 20.68 3.15 -0.94
CA GLN A 32 21.23 2.97 -2.27
C GLN A 32 20.35 3.75 -3.26
N LEU A 33 19.03 3.72 -3.07
CA LEU A 33 18.11 4.35 -4.01
C LEU A 33 18.14 5.87 -3.91
N THR A 34 18.41 6.38 -2.71
CA THR A 34 18.61 7.77 -2.47
C THR A 34 19.81 8.31 -3.31
N LYS A 35 20.92 7.60 -3.21
CA LYS A 35 22.11 7.94 -3.91
C LYS A 35 21.80 7.90 -5.41
N ASP A 36 21.14 6.84 -5.88
CA ASP A 36 20.93 6.63 -7.31
C ASP A 36 19.96 7.60 -7.94
N TYR A 37 18.97 8.04 -7.17
CA TYR A 37 17.88 8.88 -7.63
C TYR A 37 17.85 10.32 -7.06
N GLN A 38 18.90 10.70 -6.31
CA GLN A 38 19.05 12.10 -5.82
C GLN A 38 18.79 13.10 -6.94
N GLY A 39 17.85 14.01 -6.70
CA GLY A 39 17.50 15.06 -7.65
C GLY A 39 16.90 14.64 -8.98
N LYS A 40 16.35 13.42 -9.08
CA LYS A 40 15.80 12.92 -10.31
C LYS A 40 14.30 12.83 -10.26
N PRO A 41 13.63 12.83 -11.42
CA PRO A 41 12.17 12.75 -11.36
C PRO A 41 11.74 11.29 -11.16
N LEU A 42 11.82 10.83 -9.92
CA LEU A 42 11.56 9.44 -9.54
C LEU A 42 10.06 9.14 -9.39
N VAL A 43 9.55 8.13 -10.09
CA VAL A 43 8.18 7.65 -9.88
C VAL A 43 8.22 6.22 -9.39
N CYS A 44 7.68 5.96 -8.22
CA CYS A 44 7.69 4.61 -7.69
C CYS A 44 6.35 4.00 -7.99
N VAL A 45 6.38 2.83 -8.58
CA VAL A 45 5.17 2.17 -9.08
C VAL A 45 4.98 0.85 -8.39
N GLY A 46 3.83 0.67 -7.79
CA GLY A 46 3.57 -0.61 -7.11
C GLY A 46 2.56 -1.43 -7.87
N ILE A 47 2.81 -2.73 -8.07
CA ILE A 47 1.80 -3.60 -8.62
C ILE A 47 0.98 -4.17 -7.46
N LEU A 48 -0.30 -3.90 -7.51
CA LEU A 48 -1.22 -4.32 -6.55
C LEU A 48 -1.43 -5.85 -6.59
N LYS A 49 -1.80 -6.50 -5.48
CA LYS A 49 -1.98 -5.90 -4.15
C LYS A 49 -0.80 -5.94 -3.23
N GLY A 50 -0.02 -7.03 -3.27
CA GLY A 50 0.93 -7.34 -2.24
C GLY A 50 2.17 -6.48 -2.15
N SER A 51 2.53 -5.91 -3.27
CA SER A 51 3.68 -5.06 -3.25
C SER A 51 3.47 -3.78 -2.47
N ALA A 52 2.24 -3.39 -2.18
CA ALA A 52 2.02 -2.15 -1.42
C ALA A 52 2.66 -2.05 -0.02
N MSE A 53 2.73 -3.15 0.68
CA MSE A 53 3.31 -3.15 2.01
CA MSE A 53 3.32 -3.21 2.05
C MSE A 53 4.81 -2.87 2.00
O MSE A 53 5.28 -1.99 2.73
CB MSE A 53 2.94 -4.43 2.73
CB MSE A 53 3.13 -4.57 2.78
CG MSE A 53 2.29 -5.44 1.80
CG MSE A 53 2.03 -4.64 3.88
SE MSE A 53 0.35 -5.23 1.70
SE MSE A 53 2.66 -4.52 5.81
CE MSE A 53 0.78 -5.52 3.58
CE MSE A 53 2.03 -6.35 6.27
N PHE A 54 5.54 -3.56 1.14
CA PHE A 54 6.97 -3.28 0.93
C PHE A 54 7.23 -1.87 0.39
N MSE A 55 6.50 -1.47 -0.61
CA MSE A 55 6.56 -0.11 -1.10
C MSE A 55 6.41 0.88 0.00
O MSE A 55 7.19 1.77 0.11
CB MSE A 55 5.53 0.11 -2.19
CG MSE A 55 5.37 1.57 -2.50
SE MSE A 55 4.42 1.69 -4.22
CE MSE A 55 5.88 2.00 -5.41
N SER A 56 5.42 0.73 0.83
CA SER A 56 5.24 1.69 1.87
C SER A 56 6.45 1.85 2.77
N ASP A 57 7.01 0.73 3.19
CA ASP A 57 8.15 0.75 4.09
C ASP A 57 9.42 1.23 3.39
N LEU A 58 9.49 1.01 2.08
CA LEU A 58 10.70 1.32 1.38
C LEU A 58 10.77 2.81 1.08
N ILE A 59 9.65 3.37 0.65
CA ILE A 59 9.58 4.78 0.27
CA ILE A 59 9.66 4.79 0.26
C ILE A 59 9.99 5.69 1.46
N LYS A 60 9.75 5.23 2.69
CA LYS A 60 10.12 6.01 3.82
C LYS A 60 11.59 6.27 3.93
N ARG A 61 12.37 5.37 3.34
CA ARG A 61 13.82 5.47 3.42
C ARG A 61 14.45 6.01 2.16
N ILE A 62 13.62 6.45 1.22
CA ILE A 62 14.12 7.13 0.02
C ILE A 62 13.97 8.61 0.26
N ASP A 63 15.10 9.24 0.51
CA ASP A 63 15.21 10.62 0.99
C ASP A 63 15.48 11.59 -0.17
N THR A 64 14.59 11.60 -1.13
CA THR A 64 14.63 12.52 -2.26
C THR A 64 13.19 12.59 -2.75
N HIS A 65 12.86 13.58 -3.52
CA HIS A 65 11.48 13.75 -3.94
C HIS A 65 11.05 12.64 -4.86
N LEU A 66 9.82 12.21 -4.72
CA LEU A 66 9.32 11.18 -5.60
C LEU A 66 7.82 11.27 -5.59
N SER A 67 7.22 10.85 -6.68
CA SER A 67 5.80 10.57 -6.65
C SER A 67 5.62 9.06 -6.71
N ILE A 68 4.42 8.61 -6.39
CA ILE A 68 4.06 7.22 -6.44
C ILE A 68 2.85 6.93 -7.34
N ASP A 69 2.73 5.69 -7.80
CA ASP A 69 1.56 5.36 -8.63
C ASP A 69 1.40 3.84 -8.52
N PHE A 70 0.26 3.34 -8.99
CA PHE A 70 -0.11 1.94 -8.85
C PHE A 70 -0.67 1.33 -10.11
N MSE A 71 -0.42 0.05 -10.33
CA MSE A 71 -1.01 -0.65 -11.43
C MSE A 71 -1.71 -1.87 -10.87
O MSE A 71 -1.28 -2.45 -9.86
CB MSE A 71 0.10 -1.11 -12.31
CG MSE A 71 0.57 0.04 -13.14
SE MSE A 71 1.80 -0.64 -14.54
CE MSE A 71 0.37 -1.06 -15.85
N ASP A 72 -2.80 -2.26 -11.52
CA ASP A 72 -3.45 -3.51 -11.23
C ASP A 72 -3.62 -4.27 -12.57
N VAL A 73 -3.03 -5.45 -12.62
CA VAL A 73 -2.95 -6.28 -13.80
C VAL A 73 -3.47 -7.70 -13.55
N SER A 74 -3.82 -8.43 -14.61
CA SER A 74 -4.26 -9.84 -14.45
C SER A 74 -3.72 -10.65 -15.62
N SER A 75 -2.81 -11.56 -15.31
CA SER A 75 -2.17 -12.40 -16.31
C SER A 75 -3.08 -13.47 -16.83
N TYR A 76 -2.99 -13.75 -18.12
CA TYR A 76 -3.61 -14.97 -18.65
C TYR A 76 -2.66 -16.17 -18.42
N HIS A 77 -3.23 -17.35 -18.27
CA HIS A 77 -2.47 -18.58 -18.10
C HIS A 77 -2.88 -19.59 -19.14
N GLY A 78 -1.91 -20.43 -19.55
CA GLY A 78 -2.14 -21.71 -20.21
C GLY A 78 -1.56 -22.74 -19.26
N GLY A 79 -2.42 -23.61 -18.70
CA GLY A 79 -2.01 -24.43 -17.56
C GLY A 79 -2.12 -23.52 -16.36
N THR A 80 -1.17 -23.59 -15.44
CA THR A 80 -1.05 -22.52 -14.44
C THR A 80 0.22 -21.67 -14.66
N GLU A 81 0.77 -21.72 -15.88
CA GLU A 81 1.86 -20.76 -16.26
C GLU A 81 1.39 -19.56 -17.12
N SER A 82 1.83 -18.39 -16.69
CA SER A 82 1.57 -17.14 -17.41
C SER A 82 2.08 -17.13 -18.85
N THR A 83 1.22 -16.67 -19.75
CA THR A 83 1.50 -16.63 -21.18
C THR A 83 2.37 -15.41 -21.53
N GLY A 84 2.43 -14.40 -20.66
CA GLY A 84 2.97 -13.10 -21.05
C GLY A 84 1.86 -12.10 -21.44
N GLU A 85 0.65 -12.57 -21.77
CA GLU A 85 -0.45 -11.67 -22.06
C GLU A 85 -1.01 -11.18 -20.76
N VAL A 86 -1.06 -9.89 -20.60
CA VAL A 86 -1.41 -9.28 -19.35
C VAL A 86 -2.49 -8.23 -19.51
N GLN A 87 -3.60 -8.44 -18.82
CA GLN A 87 -4.71 -7.50 -18.82
C GLN A 87 -4.47 -6.36 -17.86
N ILE A 88 -4.70 -5.14 -18.30
CA ILE A 88 -4.55 -3.93 -17.46
C ILE A 88 -5.89 -3.58 -16.84
N ILE A 89 -6.05 -3.90 -15.55
CA ILE A 89 -7.28 -3.62 -14.80
C ILE A 89 -7.24 -2.13 -14.43
N LYS A 90 -6.12 -1.69 -13.93
CA LYS A 90 -5.93 -0.25 -13.73
C LYS A 90 -4.50 0.14 -14.13
N ASP A 91 -4.42 1.09 -15.04
CA ASP A 91 -3.13 1.56 -15.51
C ASP A 91 -2.59 2.61 -14.55
N LEU A 92 -1.37 3.04 -14.78
CA LEU A 92 -0.88 4.25 -14.12
C LEU A 92 -1.83 5.41 -14.38
N GLY A 93 -1.97 6.26 -13.37
CA GLY A 93 -2.82 7.45 -13.45
C GLY A 93 -2.10 8.67 -13.98
N SER A 94 -0.77 8.60 -14.15
CA SER A 94 -0.04 9.75 -14.63
C SER A 94 1.01 9.37 -15.64
N SER A 95 1.42 10.37 -16.38
CA SER A 95 2.41 10.18 -17.42
C SER A 95 3.75 9.75 -16.82
N ILE A 96 4.51 8.92 -17.50
CA ILE A 96 5.86 8.58 -17.05
C ILE A 96 6.91 8.95 -18.11
N GLU A 97 6.50 9.64 -19.16
CA GLU A 97 7.44 10.06 -20.21
C GLU A 97 8.47 10.97 -19.58
N ASN A 98 9.73 10.71 -19.86
CA ASN A 98 10.87 11.44 -19.25
C ASN A 98 10.99 11.30 -17.72
N LYS A 99 10.36 10.31 -17.12
CA LYS A 99 10.53 10.03 -15.72
C LYS A 99 11.49 8.89 -15.52
N ASP A 100 12.06 8.85 -14.31
CA ASP A 100 12.80 7.71 -13.82
C ASP A 100 11.92 6.79 -13.01
N VAL A 101 11.57 5.65 -13.59
CA VAL A 101 10.60 4.76 -13.01
C VAL A 101 11.25 3.62 -12.24
N LEU A 102 10.75 3.39 -11.03
CA LEU A 102 11.23 2.32 -10.18
C LEU A 102 10.03 1.44 -9.84
N ILE A 103 10.04 0.23 -10.33
CA ILE A 103 8.97 -0.65 -10.06
C ILE A 103 9.32 -1.34 -8.79
N ILE A 104 8.39 -1.33 -7.87
CA ILE A 104 8.61 -1.94 -6.58
C ILE A 104 7.80 -3.18 -6.41
N GLU A 105 8.49 -4.30 -6.17
CA GLU A 105 7.90 -5.66 -6.16
C GLU A 105 8.14 -6.36 -4.81
N ASP A 106 7.17 -7.13 -4.34
CA ASP A 106 7.38 -8.01 -3.20
C ASP A 106 8.25 -9.25 -3.54
N ILE A 107 8.05 -9.90 -4.71
CA ILE A 107 8.79 -11.10 -5.05
C ILE A 107 9.00 -11.22 -6.55
N LEU A 108 10.17 -11.66 -6.95
CA LEU A 108 10.43 -11.92 -8.34
C LEU A 108 10.63 -13.41 -8.51
N GLU A 109 9.83 -14.02 -9.37
CA GLU A 109 9.83 -15.46 -9.57
C GLU A 109 10.05 -15.82 -11.03
N THR A 110 8.97 -16.15 -11.74
CA THR A 110 9.06 -16.50 -13.14
C THR A 110 9.47 -15.25 -13.90
N GLY A 111 9.02 -14.10 -13.44
CA GLY A 111 9.33 -12.88 -14.20
C GLY A 111 8.41 -12.59 -15.39
N THR A 112 7.47 -13.45 -15.68
CA THR A 112 6.78 -13.42 -16.95
C THR A 112 5.86 -12.20 -17.04
N THR A 113 5.10 -11.97 -15.99
CA THR A 113 4.17 -10.85 -15.89
C THR A 113 4.96 -9.54 -15.82
N LEU A 114 5.97 -9.53 -14.98
CA LEU A 114 6.80 -8.38 -14.80
C LEU A 114 7.47 -7.92 -16.11
N LYS A 115 8.00 -8.85 -16.90
CA LYS A 115 8.57 -8.54 -18.17
C LYS A 115 7.58 -7.90 -19.10
N SER A 116 6.34 -8.35 -19.19
CA SER A 116 5.32 -7.58 -19.94
C SER A 116 5.09 -6.20 -19.41
N ILE A 117 4.97 -6.04 -18.09
CA ILE A 117 4.75 -4.71 -17.51
C ILE A 117 5.88 -3.81 -17.95
N THR A 118 7.06 -4.32 -17.82
CA THR A 118 8.29 -3.62 -18.12
C THR A 118 8.32 -3.17 -19.55
N GLU A 119 7.94 -4.03 -20.47
CA GLU A 119 7.89 -3.64 -21.85
C GLU A 119 6.84 -2.54 -22.16
N LEU A 120 5.69 -2.60 -21.53
CA LEU A 120 4.72 -1.52 -21.68
C LEU A 120 5.30 -0.19 -21.17
N LEU A 121 5.88 -0.22 -20.00
CA LEU A 121 6.41 1.01 -19.47
C LEU A 121 7.60 1.53 -20.29
N GLN A 122 8.51 0.68 -20.82
N GLN A 122 8.44 0.63 -20.83
CA GLN A 122 9.62 1.19 -21.64
CA GLN A 122 9.60 1.00 -21.61
C GLN A 122 9.01 1.92 -22.81
C GLN A 122 9.16 1.70 -22.90
N SER A 123 7.99 1.33 -23.41
CA SER A 123 7.39 1.94 -24.58
C SER A 123 6.86 3.35 -24.33
N ARG A 124 6.78 3.82 -23.08
CA ARG A 124 6.27 5.17 -22.81
C ARG A 124 7.36 6.29 -22.66
N LYS A 125 8.55 6.04 -23.19
CA LYS A 125 9.68 6.99 -23.22
C LYS A 125 10.12 7.49 -21.88
N VAL A 126 10.22 6.57 -20.96
CA VAL A 126 10.79 6.84 -19.68
C VAL A 126 12.23 7.25 -19.88
N ASN A 127 12.72 8.09 -18.99
CA ASN A 127 14.11 8.27 -18.94
C ASN A 127 14.92 7.01 -18.50
N SER A 128 14.39 6.22 -17.56
CA SER A 128 14.97 4.96 -17.13
C SER A 128 13.92 4.14 -16.41
N LEU A 129 14.19 2.85 -16.25
CA LEU A 129 13.30 1.92 -15.56
C LEU A 129 14.10 0.85 -14.84
N GLU A 130 13.84 0.69 -13.55
CA GLU A 130 14.46 -0.33 -12.76
C GLU A 130 13.48 -1.03 -11.81
N ILE A 131 13.87 -2.18 -11.27
CA ILE A 131 13.05 -2.96 -10.41
C ILE A 131 13.78 -3.10 -9.06
N VAL A 132 13.00 -2.96 -7.98
CA VAL A 132 13.48 -3.33 -6.64
C VAL A 132 12.51 -4.43 -6.25
N THR A 133 13.04 -5.53 -5.76
CA THR A 133 12.21 -6.56 -5.25
C THR A 133 12.70 -6.96 -3.86
N LEU A 134 11.77 -7.16 -2.96
CA LEU A 134 12.11 -7.67 -1.62
C LEU A 134 12.67 -9.08 -1.71
N LEU A 135 11.97 -9.96 -2.41
CA LEU A 135 12.39 -11.36 -2.48
C LEU A 135 12.68 -11.72 -3.93
N ASP A 136 13.60 -12.66 -4.08
CA ASP A 136 14.00 -13.15 -5.37
C ASP A 136 14.18 -14.67 -5.22
N LYS A 137 13.44 -15.43 -6.02
CA LYS A 137 13.66 -16.86 -6.22
C LYS A 137 14.32 -17.07 -7.54
N PRO A 138 15.64 -17.11 -7.52
CA PRO A 138 16.37 -16.99 -8.79
C PRO A 138 16.26 -18.21 -9.70
N ASN A 139 15.97 -19.37 -9.13
CA ASN A 139 15.87 -20.58 -9.93
C ASN A 139 14.50 -20.80 -10.50
N ARG A 140 13.52 -19.96 -10.21
CA ARG A 140 12.20 -20.01 -10.85
C ARG A 140 12.05 -19.14 -12.09
N ARG A 141 13.07 -18.40 -12.44
CA ARG A 141 13.00 -17.46 -13.53
C ARG A 141 12.66 -18.16 -14.81
N LYS A 142 11.64 -17.68 -15.54
CA LYS A 142 11.38 -18.15 -16.90
C LYS A 142 11.76 -17.05 -17.86
N ALA A 143 11.32 -15.83 -17.62
CA ALA A 143 11.57 -14.75 -18.55
C ALA A 143 12.96 -14.20 -18.32
N ASP A 144 13.40 -13.39 -19.27
CA ASP A 144 14.76 -12.90 -19.27
C ASP A 144 14.75 -11.58 -18.59
N ILE A 145 14.78 -11.64 -17.27
CA ILE A 145 14.72 -10.48 -16.44
C ILE A 145 15.31 -10.69 -15.04
N GLU A 146 16.00 -9.66 -14.55
CA GLU A 146 16.63 -9.67 -13.24
C GLU A 146 16.44 -8.28 -12.64
N ALA A 147 16.37 -8.20 -11.32
CA ALA A 147 16.21 -6.92 -10.65
C ALA A 147 17.56 -6.27 -10.32
N LYS A 148 17.65 -4.97 -10.54
CA LYS A 148 18.77 -4.26 -10.02
C LYS A 148 18.95 -4.28 -8.53
N TYR A 149 17.86 -4.15 -7.76
CA TYR A 149 17.98 -4.08 -6.31
C TYR A 149 17.15 -5.24 -5.76
N VAL A 150 17.71 -6.05 -4.87
CA VAL A 150 17.15 -7.27 -4.38
C VAL A 150 17.40 -7.31 -2.86
N GLY A 151 16.34 -7.48 -2.06
CA GLY A 151 16.48 -7.61 -0.59
C GLY A 151 17.04 -8.95 -0.14
N LYS A 152 16.49 -10.07 -0.64
CA LYS A 152 16.77 -11.39 -0.13
C LYS A 152 16.49 -12.46 -1.20
N LYS A 153 17.42 -13.35 -1.44
CA LYS A 153 17.23 -14.46 -2.31
C LYS A 153 16.78 -15.64 -1.46
N ILE A 154 15.82 -16.39 -1.95
CA ILE A 154 15.29 -17.52 -1.19
C ILE A 154 15.13 -18.76 -2.09
N PRO A 155 15.14 -19.96 -1.48
CA PRO A 155 14.82 -21.15 -2.24
C PRO A 155 13.37 -21.09 -2.66
N ASP A 156 12.95 -22.03 -3.50
CA ASP A 156 11.56 -22.07 -3.96
C ASP A 156 10.57 -22.61 -2.92
N GLU A 157 10.39 -21.96 -1.81
CA GLU A 157 9.46 -22.43 -0.81
C GLU A 157 8.20 -21.63 -1.06
N PHE A 158 7.11 -22.10 -0.49
CA PHE A 158 5.84 -21.40 -0.48
C PHE A 158 5.90 -20.40 0.66
N VAL A 159 5.91 -19.11 0.36
CA VAL A 159 6.09 -18.09 1.40
C VAL A 159 4.87 -17.20 1.47
N VAL A 160 4.55 -16.79 2.69
CA VAL A 160 3.51 -15.84 2.96
C VAL A 160 4.01 -14.78 3.96
N GLY A 161 3.24 -13.72 4.10
CA GLY A 161 3.56 -12.66 5.00
C GLY A 161 3.96 -11.41 4.23
N TYR A 162 3.76 -10.24 4.87
CA TYR A 162 4.18 -8.94 4.38
C TYR A 162 3.79 -8.67 2.91
N GLY A 163 2.49 -8.87 2.60
CA GLY A 163 1.95 -8.70 1.27
C GLY A 163 1.66 -10.01 0.51
N LEU A 164 2.37 -11.10 0.87
CA LEU A 164 2.26 -12.37 0.13
C LEU A 164 1.16 -13.18 0.82
N ASP A 165 0.27 -13.78 0.01
CA ASP A 165 -0.92 -14.32 0.45
C ASP A 165 -0.96 -15.75 0.09
N TYR A 166 -1.84 -16.46 0.81
CA TYR A 166 -2.39 -17.70 0.39
C TYR A 166 -3.89 -17.56 0.52
N ARG A 167 -4.60 -17.74 -0.60
CA ARG A 167 -6.04 -17.48 -0.66
C ARG A 167 -6.47 -16.16 0.00
N GLU A 168 -5.74 -15.10 -0.33
CA GLU A 168 -6.01 -13.72 0.19
C GLU A 168 -5.62 -13.42 1.66
N LEU A 169 -5.13 -14.43 2.37
CA LEU A 169 -4.83 -14.28 3.80
C LEU A 169 -3.34 -14.20 4.03
N TYR A 170 -2.96 -13.75 5.22
CA TYR A 170 -1.59 -13.75 5.71
C TYR A 170 -0.81 -12.53 5.27
N ARG A 171 -1.37 -11.69 4.44
CA ARG A 171 -0.63 -10.52 3.97
C ARG A 171 -0.26 -9.53 5.10
N ASN A 172 -1.02 -9.59 6.18
CA ASN A 172 -0.89 -8.71 7.30
C ASN A 172 0.21 -9.16 8.24
N LEU A 173 0.81 -10.31 8.03
CA LEU A 173 1.86 -10.71 8.96
C LEU A 173 3.01 -9.74 8.79
N PRO A 174 3.66 -9.30 9.86
CA PRO A 174 4.80 -8.39 9.70
C PRO A 174 6.14 -9.06 9.39
N TYR A 175 6.12 -10.33 9.10
CA TYR A 175 7.31 -11.03 8.80
C TYR A 175 6.97 -11.93 7.66
N ILE A 176 7.96 -12.62 7.17
CA ILE A 176 7.74 -13.53 6.05
C ILE A 176 8.24 -14.91 6.43
N GLY A 177 7.44 -15.89 6.08
CA GLY A 177 7.74 -17.26 6.36
C GLY A 177 7.11 -18.26 5.43
N THR A 178 7.49 -19.49 5.66
CA THR A 178 7.06 -20.62 4.91
C THR A 178 5.79 -21.24 5.51
N LEU A 179 4.85 -21.70 4.68
CA LEU A 179 3.71 -22.40 5.20
C LEU A 179 3.96 -23.83 5.42
N LYS A 180 3.28 -24.37 6.42
CA LYS A 180 3.19 -25.78 6.61
C LYS A 180 2.49 -26.38 5.41
N PRO A 181 3.02 -27.50 4.91
CA PRO A 181 2.42 -28.16 3.76
C PRO A 181 1.01 -28.67 4.02
N GLU A 182 0.71 -28.94 5.30
CA GLU A 182 -0.67 -29.29 5.72
C GLU A 182 -1.70 -28.21 5.49
N VAL A 183 -1.28 -26.97 5.39
CA VAL A 183 -2.18 -25.90 5.17
C VAL A 183 -2.61 -25.73 3.73
N TYR A 184 -1.65 -25.86 2.81
CA TYR A 184 -1.98 -25.72 1.39
C TYR A 184 -2.14 -27.05 0.67
N SER A 185 -1.86 -28.21 1.28
CA SER A 185 -2.04 -29.47 0.51
C SER A 185 -3.54 -29.78 0.24
N ASN A 186 -3.82 -30.91 -0.42
CA ASN A 186 -5.13 -31.17 -1.07
C ASN A 186 -6.16 -31.91 -0.25
N VAL B 7 17.18 18.28 1.90
CA VAL B 7 16.24 19.11 1.09
C VAL B 7 14.79 18.93 1.57
N MSE B 8 14.42 17.68 1.89
CA MSE B 8 13.01 17.31 2.23
C MSE B 8 12.53 17.90 3.54
O MSE B 8 11.60 18.72 3.55
CB MSE B 8 12.91 15.76 2.23
CG MSE B 8 13.08 15.14 0.83
SE MSE B 8 11.45 14.21 0.19
CE MSE B 8 10.05 15.42 0.79
N HIS B 9 13.17 17.49 4.64
CA HIS B 9 12.96 18.11 5.96
C HIS B 9 13.00 19.68 5.95
N ASN B 10 13.75 20.33 5.06
CA ASN B 10 13.81 21.81 5.01
C ASN B 10 12.50 22.46 4.60
N ASP B 11 11.62 21.74 3.91
CA ASP B 11 10.34 22.35 3.52
C ASP B 11 9.33 22.39 4.67
N LEU B 12 9.66 21.76 5.79
CA LEU B 12 8.70 21.62 6.88
C LEU B 12 8.86 22.73 7.89
N LYS B 13 7.75 23.07 8.52
CA LYS B 13 7.72 24.07 9.54
C LYS B 13 7.73 23.38 10.89
N GLU B 14 6.79 22.47 11.11
CA GLU B 14 6.77 21.72 12.35
C GLU B 14 6.31 20.30 12.04
N VAL B 15 6.74 19.39 12.89
CA VAL B 15 6.41 17.99 12.78
C VAL B 15 5.25 17.74 13.71
N LEU B 16 4.09 17.40 13.18
CA LEU B 16 2.96 17.07 14.02
C LEU B 16 3.03 15.67 14.60
N LEU B 17 3.56 14.70 13.87
CA LEU B 17 3.65 13.34 14.35
C LEU B 17 4.93 12.75 13.82
N THR B 18 5.75 12.29 14.73
CA THR B 18 6.98 11.61 14.35
C THR B 18 6.70 10.16 13.85
N GLU B 19 7.72 9.57 13.25
CA GLU B 19 7.67 8.19 12.88
C GLU B 19 7.26 7.33 14.06
N GLU B 20 7.95 7.46 15.18
CA GLU B 20 7.57 6.81 16.45
C GLU B 20 6.11 7.06 16.90
N ASP B 21 5.64 8.29 16.81
CA ASP B 21 4.22 8.57 17.16
C ASP B 21 3.26 7.76 16.35
N ILE B 22 3.55 7.65 15.07
CA ILE B 22 2.68 6.99 14.14
C ILE B 22 2.72 5.50 14.38
N GLN B 23 3.90 4.95 14.63
CA GLN B 23 4.00 3.54 14.94
C GLN B 23 3.21 3.23 16.20
N ASN B 24 3.30 4.08 17.19
CA ASN B 24 2.50 3.90 18.39
C ASN B 24 1.02 3.99 18.19
N ILE B 25 0.57 4.93 17.39
CA ILE B 25 -0.86 4.92 17.06
C ILE B 25 -1.25 3.61 16.37
N CYS B 26 -0.44 3.13 15.43
CA CYS B 26 -0.74 1.89 14.76
C CYS B 26 -0.86 0.73 15.75
N LYS B 27 0.04 0.63 16.73
CA LYS B 27 -0.05 -0.42 17.73
C LYS B 27 -1.36 -0.32 18.53
N GLU B 28 -1.71 0.90 18.89
CA GLU B 28 -2.86 1.15 19.75
C GLU B 28 -4.16 0.81 19.00
N LEU B 29 -4.31 1.37 17.80
CA LEU B 29 -5.47 1.06 16.99
C LEU B 29 -5.49 -0.45 16.63
N GLY B 30 -4.33 -1.01 16.32
CA GLY B 30 -4.23 -2.38 15.93
C GLY B 30 -4.73 -3.34 16.97
N ALA B 31 -4.36 -3.08 18.22
CA ALA B 31 -4.84 -3.86 19.37
C ALA B 31 -6.34 -3.71 19.57
N GLN B 32 -6.90 -2.52 19.35
CA GLN B 32 -8.33 -2.39 19.51
C GLN B 32 -9.05 -3.15 18.41
N LEU B 33 -8.51 -3.12 17.19
CA LEU B 33 -9.18 -3.71 16.02
C LEU B 33 -9.06 -5.22 16.08
N THR B 34 -7.91 -5.73 16.49
CA THR B 34 -7.75 -7.12 16.89
C THR B 34 -8.88 -7.56 17.88
N LYS B 35 -9.08 -6.90 19.01
CA LYS B 35 -10.25 -7.27 19.86
C LYS B 35 -11.59 -7.24 19.10
N ASP B 36 -11.86 -6.19 18.33
CA ASP B 36 -13.18 -6.04 17.75
C ASP B 36 -13.45 -6.97 16.57
N TYR B 37 -12.42 -7.43 15.85
CA TYR B 37 -12.63 -8.22 14.63
C TYR B 37 -12.16 -9.68 14.71
N GLN B 38 -11.65 -10.12 15.85
CA GLN B 38 -11.24 -11.51 16.05
C GLN B 38 -12.28 -12.46 15.64
N GLY B 39 -11.93 -13.28 14.66
CA GLY B 39 -12.77 -14.33 14.16
C GLY B 39 -13.84 -13.83 13.25
N LYS B 40 -13.69 -12.63 12.73
CA LYS B 40 -14.73 -12.09 11.87
C LYS B 40 -14.18 -11.93 10.49
N PRO B 41 -15.06 -11.90 9.49
CA PRO B 41 -14.60 -11.84 8.12
C PRO B 41 -14.15 -10.43 7.66
N LEU B 42 -13.00 -10.02 8.14
CA LEU B 42 -12.55 -8.68 8.02
C LEU B 42 -11.86 -8.44 6.66
N VAL B 43 -12.40 -7.45 5.91
CA VAL B 43 -11.84 -6.94 4.71
C VAL B 43 -11.38 -5.49 4.94
N CYS B 44 -10.08 -5.27 4.81
CA CYS B 44 -9.45 -3.95 4.86
C CYS B 44 -9.34 -3.33 3.46
N VAL B 45 -10.00 -2.18 3.31
CA VAL B 45 -10.14 -1.50 2.07
C VAL B 45 -9.39 -0.16 2.13
N GLY B 46 -8.54 0.10 1.16
CA GLY B 46 -7.88 1.43 1.05
C GLY B 46 -8.21 2.15 -0.22
N ILE B 47 -8.42 3.46 -0.15
CA ILE B 47 -8.74 4.27 -1.33
C ILE B 47 -7.38 4.82 -1.74
N LEU B 48 -6.93 4.44 -2.90
CA LEU B 48 -5.64 4.93 -3.39
C LEU B 48 -5.63 6.47 -3.52
N LYS B 49 -4.50 7.17 -3.48
CA LYS B 49 -3.16 6.58 -3.27
C LYS B 49 -2.68 6.59 -1.87
N GLY B 50 -2.93 7.69 -1.21
CA GLY B 50 -2.25 7.97 0.04
C GLY B 50 -2.60 7.10 1.22
N SER B 51 -3.77 6.49 1.24
CA SER B 51 -4.11 5.66 2.41
C SER B 51 -3.31 4.34 2.45
N ALA B 52 -2.67 3.97 1.35
CA ALA B 52 -1.82 2.77 1.35
C ALA B 52 -0.70 2.71 2.38
N MSE B 53 -0.06 3.83 2.66
CA MSE B 53 1.09 3.94 3.58
CA MSE B 53 1.10 3.89 3.58
C MSE B 53 0.57 3.58 4.97
O MSE B 53 1.07 2.70 5.65
CB MSE B 53 1.71 5.36 3.52
CB MSE B 53 1.90 5.20 3.37
CG MSE B 53 2.67 5.74 2.35
CG MSE B 53 2.90 5.55 4.47
SE MSE B 53 1.79 5.71 0.58
SE MSE B 53 4.82 5.27 4.00
CE MSE B 53 0.11 6.44 1.04
CE MSE B 53 5.48 7.14 3.98
N PHE B 54 -0.46 4.24 5.41
CA PHE B 54 -1.01 3.92 6.73
C PHE B 54 -1.61 2.45 6.83
N MSE B 55 -2.38 2.04 5.84
CA MSE B 55 -2.98 0.74 5.82
C MSE B 55 -1.91 -0.34 6.00
O MSE B 55 -2.07 -1.24 6.84
CB MSE B 55 -3.74 0.59 4.53
CG MSE B 55 -4.17 -0.85 4.40
SE MSE B 55 -5.27 -1.16 2.81
CE MSE B 55 -6.76 -0.43 3.70
N SER B 56 -0.82 -0.24 5.23
CA SER B 56 0.30 -1.14 5.38
C SER B 56 0.78 -1.23 6.84
N ASP B 57 0.97 -0.11 7.49
CA ASP B 57 1.44 -0.18 8.87
C ASP B 57 0.38 -0.66 9.83
N LEU B 58 -0.88 -0.35 9.55
CA LEU B 58 -1.94 -0.72 10.44
C LEU B 58 -2.18 -2.21 10.45
N ILE B 59 -2.20 -2.84 9.28
CA ILE B 59 -2.63 -4.21 9.22
C ILE B 59 -1.59 -5.10 9.87
N LYS B 60 -0.35 -4.64 9.90
CA LYS B 60 0.69 -5.32 10.64
C LYS B 60 0.37 -5.54 12.09
N ARG B 61 -0.50 -4.70 12.68
CA ARG B 61 -0.86 -4.85 14.10
C ARG B 61 -2.26 -5.34 14.34
N ILE B 62 -2.92 -5.77 13.28
CA ILE B 62 -4.19 -6.46 13.39
C ILE B 62 -3.90 -7.92 13.40
N ASP B 63 -4.04 -8.49 14.57
CA ASP B 63 -3.54 -9.84 14.84
C ASP B 63 -4.69 -10.85 14.73
N THR B 64 -5.30 -10.86 13.55
CA THR B 64 -6.34 -11.79 13.16
C THR B 64 -6.33 -11.84 11.59
N HIS B 65 -6.99 -12.85 11.07
CA HIS B 65 -7.07 -13.05 9.66
C HIS B 65 -7.89 -11.97 9.01
N LEU B 66 -7.39 -11.50 7.88
CA LEU B 66 -8.04 -10.51 7.12
C LEU B 66 -7.57 -10.58 5.68
N SER B 67 -8.40 -9.98 4.88
CA SER B 67 -8.21 -9.77 3.49
C SER B 67 -7.96 -8.31 3.19
N ILE B 68 -7.41 -8.00 2.05
CA ILE B 68 -7.32 -6.58 1.67
C ILE B 68 -7.74 -6.33 0.26
N ASP B 69 -8.22 -5.11 0.03
CA ASP B 69 -8.64 -4.69 -1.30
C ASP B 69 -8.46 -3.17 -1.49
N PHE B 70 -8.42 -2.70 -2.73
CA PHE B 70 -8.15 -1.30 -3.03
C PHE B 70 -9.21 -0.74 -3.96
N MSE B 71 -9.53 0.54 -3.79
CA MSE B 71 -10.30 1.25 -4.77
C MSE B 71 -9.55 2.46 -5.26
O MSE B 71 -8.77 3.10 -4.54
CB MSE B 71 -11.64 1.74 -4.24
CG MSE B 71 -12.50 0.62 -3.78
SE MSE B 71 -14.18 1.35 -3.02
CE MSE B 71 -14.98 1.61 -4.80
N ASP B 72 -9.81 2.79 -6.52
CA ASP B 72 -9.43 4.04 -7.09
C ASP B 72 -10.65 4.81 -7.56
N VAL B 73 -10.65 6.03 -7.14
CA VAL B 73 -11.81 6.83 -7.29
C VAL B 73 -11.48 8.26 -7.71
N SER B 74 -12.41 8.94 -8.35
CA SER B 74 -12.17 10.34 -8.73
C SER B 74 -13.44 11.13 -8.58
N SER B 75 -13.51 12.01 -7.61
CA SER B 75 -14.70 12.88 -7.41
C SER B 75 -14.88 13.94 -8.46
N TYR B 76 -16.14 14.29 -8.71
CA TYR B 76 -16.49 15.50 -9.45
C TYR B 76 -16.52 16.73 -8.50
N HIS B 77 -16.21 17.91 -9.05
CA HIS B 77 -16.15 19.14 -8.24
C HIS B 77 -17.17 20.14 -8.73
N GLY B 78 -17.95 20.66 -7.79
CA GLY B 78 -18.86 21.82 -7.99
C GLY B 78 -18.12 23.04 -7.46
N GLY B 79 -17.47 23.75 -8.38
CA GLY B 79 -16.45 24.73 -8.03
C GLY B 79 -15.24 24.02 -7.47
N THR B 80 -14.93 24.30 -6.20
CA THR B 80 -13.76 23.77 -5.46
C THR B 80 -14.11 22.52 -4.57
N GLU B 81 -15.40 22.39 -4.29
CA GLU B 81 -15.94 21.46 -3.32
C GLU B 81 -16.49 20.26 -4.08
N SER B 82 -16.21 19.07 -3.55
CA SER B 82 -16.67 17.84 -4.16
C SER B 82 -18.19 17.76 -4.06
N THR B 83 -18.83 17.33 -5.14
CA THR B 83 -20.31 17.26 -5.22
C THR B 83 -20.96 15.99 -4.64
N GLY B 84 -20.21 14.95 -4.29
CA GLY B 84 -20.82 13.63 -3.91
C GLY B 84 -20.81 12.59 -5.05
N GLU B 85 -20.61 13.05 -6.28
CA GLU B 85 -20.62 12.18 -7.41
C GLU B 85 -19.22 11.61 -7.57
N VAL B 86 -19.06 10.29 -7.45
CA VAL B 86 -17.73 9.69 -7.45
C VAL B 86 -17.58 8.69 -8.59
N GLN B 87 -16.59 8.94 -9.44
CA GLN B 87 -16.26 8.04 -10.55
C GLN B 87 -15.43 6.91 -10.03
N ILE B 88 -15.79 5.68 -10.39
CA ILE B 88 -15.05 4.53 -9.96
C ILE B 88 -14.03 4.23 -11.03
N ILE B 89 -12.74 4.45 -10.75
CA ILE B 89 -11.70 4.11 -11.72
C ILE B 89 -11.35 2.60 -11.53
N LYS B 90 -11.18 2.17 -10.29
CA LYS B 90 -11.03 0.80 -9.93
C LYS B 90 -11.92 0.44 -8.72
N ASP B 91 -12.81 -0.52 -8.92
CA ASP B 91 -13.71 -1.02 -7.86
C ASP B 91 -12.93 -2.05 -7.11
N LEU B 92 -13.51 -2.53 -6.03
CA LEU B 92 -12.96 -3.60 -5.29
C LEU B 92 -12.85 -4.78 -6.23
N GLY B 93 -11.85 -5.65 -6.04
CA GLY B 93 -11.76 -6.85 -6.89
C GLY B 93 -12.58 -8.04 -6.41
N SER B 94 -13.10 -7.97 -5.19
CA SER B 94 -13.84 -9.09 -4.59
C SER B 94 -15.14 -8.66 -3.87
N SER B 95 -15.99 -9.65 -3.68
CA SER B 95 -17.22 -9.52 -3.04
C SER B 95 -17.01 -9.06 -1.62
N ILE B 96 -17.89 -8.18 -1.14
CA ILE B 96 -17.97 -7.86 0.29
C ILE B 96 -19.29 -8.24 0.95
N GLU B 97 -20.16 -8.94 0.25
CA GLU B 97 -21.43 -9.31 0.80
C GLU B 97 -21.13 -10.21 2.00
N ASN B 98 -21.76 -9.90 3.13
CA ASN B 98 -21.53 -10.59 4.43
C ASN B 98 -20.16 -10.49 5.05
N LYS B 99 -19.33 -9.54 4.60
CA LYS B 99 -18.06 -9.22 5.26
C LYS B 99 -18.17 -8.06 6.22
N ASP B 100 -17.16 -8.00 7.12
CA ASP B 100 -16.94 -6.89 7.99
C ASP B 100 -15.86 -6.01 7.35
N VAL B 101 -16.30 -4.91 6.73
CA VAL B 101 -15.45 -4.07 5.97
C VAL B 101 -14.95 -2.94 6.82
N LEU B 102 -13.66 -2.70 6.74
CA LEU B 102 -13.07 -1.62 7.47
C LEU B 102 -12.35 -0.75 6.44
N ILE B 103 -12.79 0.48 6.21
CA ILE B 103 -12.06 1.39 5.31
C ILE B 103 -10.98 2.12 6.06
N ILE B 104 -9.79 2.15 5.49
CA ILE B 104 -8.61 2.67 6.17
C ILE B 104 -8.18 3.88 5.41
N GLU B 105 -8.21 5.02 6.11
CA GLU B 105 -8.08 6.36 5.54
C GLU B 105 -6.90 7.03 6.22
N ASP B 106 -6.13 7.79 5.44
CA ASP B 106 -5.06 8.62 6.02
C ASP B 106 -5.66 9.84 6.74
N ILE B 107 -6.69 10.46 6.19
CA ILE B 107 -7.27 11.64 6.82
C ILE B 107 -8.75 11.82 6.49
N LEU B 108 -9.54 12.27 7.47
CA LEU B 108 -10.91 12.57 7.27
C LEU B 108 -11.10 14.06 7.53
N GLU B 109 -11.63 14.75 6.51
CA GLU B 109 -11.72 16.19 6.45
C GLU B 109 -13.16 16.46 6.12
N THR B 110 -13.43 16.67 4.87
CA THR B 110 -14.74 16.96 4.38
C THR B 110 -15.72 15.78 4.48
N GLY B 111 -15.19 14.60 4.19
CA GLY B 111 -15.99 13.40 4.19
C GLY B 111 -16.92 13.21 3.00
N THR B 112 -16.88 14.07 2.00
CA THR B 112 -17.92 14.03 0.99
C THR B 112 -17.70 12.80 0.12
N THR B 113 -16.46 12.58 -0.29
CA THR B 113 -16.11 11.43 -1.10
C THR B 113 -16.25 10.15 -0.33
N LEU B 114 -15.76 10.15 0.88
CA LEU B 114 -15.80 8.96 1.68
C LEU B 114 -17.21 8.49 1.96
N LYS B 115 -18.11 9.43 2.16
CA LYS B 115 -19.47 9.17 2.46
C LYS B 115 -20.14 8.49 1.29
N SER B 116 -19.88 9.04 0.12
CA SER B 116 -20.41 8.46 -1.09
C SER B 116 -19.91 7.03 -1.35
N ILE B 117 -18.62 6.79 -1.11
CA ILE B 117 -18.02 5.42 -1.15
C ILE B 117 -18.74 4.49 -0.14
N THR B 118 -18.89 5.04 1.04
CA THR B 118 -19.54 4.35 2.10
C THR B 118 -20.93 3.93 1.73
N GLU B 119 -21.69 4.77 1.05
CA GLU B 119 -23.03 4.38 0.71
C GLU B 119 -23.02 3.29 -0.36
N LEU B 120 -22.07 3.34 -1.24
CA LEU B 120 -21.97 2.30 -2.28
C LEU B 120 -21.64 0.94 -1.68
N LEU B 121 -20.68 0.91 -0.79
CA LEU B 121 -20.37 -0.31 -0.11
C LEU B 121 -21.49 -0.83 0.80
N GLN B 122 -22.20 0.03 1.54
N GLN B 122 -22.21 0.05 1.50
CA GLN B 122 -23.28 -0.47 2.38
CA GLN B 122 -23.30 -0.38 2.36
C GLN B 122 -24.36 -1.09 1.51
C GLN B 122 -24.37 -1.06 1.52
N SER B 123 -24.52 -0.65 0.27
CA SER B 123 -25.52 -1.29 -0.63
C SER B 123 -25.12 -2.70 -1.09
N ARG B 124 -23.91 -3.15 -0.80
CA ARG B 124 -23.48 -4.52 -1.14
C ARG B 124 -23.70 -5.56 -0.03
N LYS B 125 -24.45 -5.21 0.99
CA LYS B 125 -24.92 -6.14 2.01
C LYS B 125 -23.80 -6.67 2.83
N VAL B 126 -22.95 -5.77 3.22
CA VAL B 126 -21.88 -6.14 4.08
C VAL B 126 -22.55 -6.56 5.39
N ASN B 127 -21.87 -7.35 6.19
CA ASN B 127 -22.31 -7.52 7.55
C ASN B 127 -22.08 -6.28 8.42
N SER B 128 -20.97 -5.60 8.21
CA SER B 128 -20.75 -4.28 8.82
C SER B 128 -19.76 -3.41 8.05
N LEU B 129 -19.72 -2.14 8.36
CA LEU B 129 -18.77 -1.23 7.78
C LEU B 129 -18.38 -0.15 8.75
N GLU B 130 -17.09 0.05 8.94
CA GLU B 130 -16.56 1.06 9.82
C GLU B 130 -15.34 1.68 9.15
N ILE B 131 -14.93 2.81 9.66
CA ILE B 131 -13.80 3.50 9.15
C ILE B 131 -12.78 3.69 10.27
N VAL B 132 -11.48 3.53 9.93
CA VAL B 132 -10.40 3.97 10.79
C VAL B 132 -9.60 5.03 10.03
N THR B 133 -9.26 6.14 10.68
CA THR B 133 -8.52 7.20 9.99
C THR B 133 -7.34 7.61 10.83
N LEU B 134 -6.21 7.81 10.21
CA LEU B 134 -5.03 8.22 10.99
C LEU B 134 -5.29 9.58 11.59
N LEU B 135 -5.76 10.51 10.78
CA LEU B 135 -6.00 11.88 11.21
C LEU B 135 -7.42 12.28 10.96
N ASP B 136 -7.89 13.23 11.75
CA ASP B 136 -9.25 13.66 11.64
C ASP B 136 -9.23 15.16 11.87
N LYS B 137 -9.72 15.94 10.92
CA LYS B 137 -9.93 17.37 11.12
C LYS B 137 -11.42 17.55 11.37
N PRO B 138 -11.86 17.43 12.62
CA PRO B 138 -13.32 17.33 12.90
C PRO B 138 -14.14 18.53 12.46
N ASN B 139 -13.50 19.68 12.32
CA ASN B 139 -14.21 20.90 12.02
C ASN B 139 -14.36 21.20 10.54
N ARG B 140 -13.78 20.35 9.69
CA ARG B 140 -13.86 20.49 8.23
C ARG B 140 -15.01 19.70 7.59
N ARG B 141 -15.79 19.03 8.43
CA ARG B 141 -16.81 18.15 7.98
C ARG B 141 -17.93 18.86 7.21
N LYS B 142 -18.20 18.45 5.98
CA LYS B 142 -19.42 18.80 5.29
C LYS B 142 -20.47 17.67 5.38
N ALA B 143 -20.14 16.49 4.88
CA ALA B 143 -21.06 15.36 4.92
C ALA B 143 -21.20 14.82 6.31
N ASP B 144 -22.33 14.19 6.58
CA ASP B 144 -22.58 13.58 7.88
C ASP B 144 -21.86 12.21 8.04
N ILE B 145 -20.64 12.22 8.50
CA ILE B 145 -19.90 10.99 8.67
C ILE B 145 -18.79 11.18 9.67
N GLU B 146 -18.62 10.20 10.56
CA GLU B 146 -17.56 10.18 11.59
C GLU B 146 -16.90 8.83 11.58
N ALA B 147 -15.60 8.77 11.88
CA ALA B 147 -14.91 7.50 11.94
C ALA B 147 -14.99 6.92 13.33
N LYS B 148 -15.36 5.66 13.44
CA LYS B 148 -15.33 5.01 14.71
C LYS B 148 -13.92 4.93 15.27
N TYR B 149 -12.91 4.79 14.46
CA TYR B 149 -11.56 4.75 15.01
C TYR B 149 -10.75 5.89 14.41
N VAL B 150 -10.03 6.59 15.26
CA VAL B 150 -9.33 7.81 14.90
C VAL B 150 -7.93 7.83 15.50
N GLY B 151 -6.90 7.93 14.70
CA GLY B 151 -5.59 7.94 15.27
C GLY B 151 -5.34 9.18 16.08
N LYS B 152 -5.45 10.35 15.44
CA LYS B 152 -5.37 11.66 16.12
C LYS B 152 -6.21 12.79 15.48
N LYS B 153 -6.84 13.60 16.31
CA LYS B 153 -7.50 14.83 15.90
C LYS B 153 -6.51 15.94 15.73
N ILE B 154 -6.59 16.69 14.63
CA ILE B 154 -5.64 17.75 14.39
C ILE B 154 -6.29 19.05 13.99
N PRO B 155 -5.53 20.16 14.14
CA PRO B 155 -6.06 21.44 13.71
C PRO B 155 -6.21 21.44 12.21
N ASP B 156 -6.80 22.49 11.68
CA ASP B 156 -7.09 22.57 10.28
C ASP B 156 -5.94 23.18 9.45
N GLU B 157 -4.70 22.75 9.69
CA GLU B 157 -3.61 23.27 8.89
C GLU B 157 -3.20 22.27 7.80
N PHE B 158 -2.64 22.76 6.69
CA PHE B 158 -2.21 21.86 5.64
C PHE B 158 -0.99 21.00 6.02
N VAL B 159 -1.22 19.68 6.05
CA VAL B 159 -0.22 18.72 6.42
C VAL B 159 0.23 17.83 5.24
N VAL B 160 1.48 17.39 5.31
CA VAL B 160 2.00 16.41 4.37
C VAL B 160 2.77 15.32 5.07
N GLY B 161 3.02 14.24 4.31
CA GLY B 161 3.86 13.16 4.72
C GLY B 161 3.03 11.92 4.95
N TYR B 162 3.70 10.77 4.92
CA TYR B 162 3.07 9.49 5.26
C TYR B 162 1.79 9.27 4.43
N GLY B 163 1.93 9.37 3.12
CA GLY B 163 0.78 9.32 2.22
C GLY B 163 0.16 10.64 1.80
N LEU B 164 0.31 11.70 2.60
CA LEU B 164 -0.30 13.00 2.31
C LEU B 164 0.56 13.81 1.36
N ASP B 165 0.01 14.27 0.25
CA ASP B 165 0.83 14.91 -0.76
C ASP B 165 0.61 16.42 -0.83
N TYR B 166 1.60 17.13 -1.33
CA TYR B 166 1.38 18.37 -2.03
C TYR B 166 1.90 18.15 -3.42
N ARG B 167 1.02 18.33 -4.39
CA ARG B 167 1.27 18.13 -5.80
C ARG B 167 2.04 16.86 -6.12
N GLU B 168 1.55 15.75 -5.58
CA GLU B 168 2.09 14.39 -5.74
C GLU B 168 3.39 14.10 -4.99
N LEU B 169 4.02 15.12 -4.41
CA LEU B 169 5.26 14.92 -3.64
C LEU B 169 4.98 14.84 -2.14
N TYR B 170 5.98 14.42 -1.37
CA TYR B 170 6.00 14.31 0.12
C TYR B 170 5.34 13.11 0.77
N ARG B 171 4.75 12.21 -0.02
CA ARG B 171 4.08 11.06 0.54
C ARG B 171 5.10 10.11 1.19
N ASN B 172 6.34 10.15 0.73
CA ASN B 172 7.44 9.34 1.28
C ASN B 172 7.95 9.78 2.62
N LEU B 173 7.57 10.93 3.14
CA LEU B 173 7.99 11.25 4.48
C LEU B 173 7.47 10.24 5.49
N PRO B 174 8.30 9.78 6.43
CA PRO B 174 7.84 8.86 7.44
C PRO B 174 7.21 9.55 8.65
N TYR B 175 7.08 10.85 8.58
CA TYR B 175 6.44 11.63 9.63
C TYR B 175 5.53 12.54 8.91
N ILE B 176 4.68 13.24 9.66
CA ILE B 176 3.69 14.12 9.10
C ILE B 176 3.96 15.52 9.68
N GLY B 177 3.96 16.54 8.86
CA GLY B 177 4.20 17.88 9.36
C GLY B 177 3.57 18.88 8.46
N THR B 178 3.72 20.16 8.78
CA THR B 178 3.13 21.26 7.98
C THR B 178 4.20 21.89 7.14
N LEU B 179 3.79 22.37 5.98
CA LEU B 179 4.72 22.96 5.08
C LEU B 179 4.98 24.45 5.45
N LYS B 180 6.21 24.91 5.18
CA LYS B 180 6.52 26.33 5.22
C LYS B 180 5.78 27.02 4.08
N PRO B 181 5.20 28.22 4.34
CA PRO B 181 4.28 28.78 3.33
C PRO B 181 5.02 29.34 2.09
N GLU B 182 6.33 29.55 2.19
CA GLU B 182 7.13 29.80 0.98
C GLU B 182 6.89 28.72 -0.12
N VAL B 183 6.60 27.49 0.28
CA VAL B 183 6.52 26.35 -0.65
C VAL B 183 5.32 26.36 -1.61
N TYR B 184 4.26 27.10 -1.34
CA TYR B 184 3.08 27.11 -2.25
C TYR B 184 3.29 27.72 -3.66
S SO4 C . -1.28 -10.20 -5.47
O1 SO4 C . -2.43 -9.32 -5.79
O2 SO4 C . -1.61 -11.15 -4.44
O3 SO4 C . -0.84 -10.83 -6.73
O4 SO4 C . -0.18 -9.41 -4.94
O4 UNL D . 6.58 -11.63 -13.30
S UNL D . 6.37 -12.18 -11.91
O1 UNL D . 6.02 -10.94 -11.19
O2 UNL D . 7.53 -12.94 -11.22
O3 UNL D . 5.19 -13.15 -12.17
S SO4 E . -6.88 -17.01 -17.80
O1 SO4 E . -6.83 -15.58 -17.33
O2 SO4 E . -6.63 -17.94 -16.65
O3 SO4 E . -8.21 -17.18 -18.42
O4 SO4 E . -5.85 -17.32 -18.82
S SO4 F . 19.27 -19.41 -2.90
O1 SO4 F . 18.52 -19.12 -4.14
O2 SO4 F . 18.36 -19.30 -1.72
O3 SO4 F . 19.79 -20.82 -2.92
O4 SO4 F . 20.33 -18.37 -2.76
C1 GOL G . 14.72 -24.69 -4.80
O1 GOL G . 15.18 -24.31 -3.48
C2 GOL G . 15.04 -23.51 -5.68
O2 GOL G . 16.43 -23.36 -5.64
C3 GOL G . 14.57 -23.72 -7.10
O3 GOL G . 14.01 -22.50 -7.66
S SO4 H . -4.65 10.83 -2.94
O1 SO4 H . -6.04 11.26 -2.92
O2 SO4 H . -4.46 10.00 -1.74
O3 SO4 H . -4.51 10.20 -4.25
O4 SO4 H . -3.62 11.87 -2.77
CL CL I . -14.46 17.75 -12.20
C1 GOL J . -11.64 -11.86 5.13
O1 GOL J . -11.73 -12.10 3.72
C2 GOL J . -11.96 -13.16 5.80
O2 GOL J . -11.70 -14.19 4.82
C3 GOL J . -11.15 -13.28 7.11
O3 GOL J . -11.29 -14.61 7.67
C1 GOL K . -9.46 22.96 15.85
O1 GOL K . -8.42 22.91 16.85
C2 GOL K . -9.19 24.06 14.83
O2 GOL K . -7.94 23.85 14.15
C3 GOL K . -10.29 24.12 13.78
O3 GOL K . -10.27 25.39 13.11
O4 UNL L . -13.21 13.87 0.79
S UNL L . -13.02 12.92 1.99
O1 UNL L . -14.28 12.18 2.10
O2 UNL L . -12.56 13.61 3.29
O3 UNL L . -12.14 11.77 1.67
#